data_8YZA
#
_entry.id   8YZA
#
_cell.length_a   88.574
_cell.length_b   88.574
_cell.length_c   138.933
_cell.angle_alpha   90.00
_cell.angle_beta   90.00
_cell.angle_gamma   90.00
#
_symmetry.space_group_name_H-M   'P 43 2 2'
#
loop_
_entity.id
_entity.type
_entity.pdbx_description
1 polymer PtmB
2 non-polymer (3S,6S)-3,6-bis[(1H-indol-3-yl)methyl]piperazine-2,5-dione
3 non-polymer GUANINE
4 non-polymer 'PROTOPORPHYRIN IX CONTAINING FE'
5 water water
#
_entity_poly.entity_id   1
_entity_poly.type   'polypeptide(L)'
_entity_poly.pdbx_seq_one_letter_code
;MTTTAQRDPVLPGTAHHPPLPDFPLSRRGDILPAEAERLRAEQPVARVRTMTGDEAWLVSSYELAKQVLEDDRFSLKDTA
NPGVPRQYALTIPPEVVNNMGNINSAGLRNAVMKTLSPQADRELGGWLEAQAHQLLDRLIEQGPPADLRDGFTEPYSAAL
HCRLLGIPTDDWRRLMSGIDVAFITSPRTFEGSAVNWYKDLGYMVDRLNADPEPTEGLLGRFAELRRSPDVSDQVSDELL
ATVALSLFGAGAVSTSAFLQHAIIALAQQPELADRLRAEPAVIGRAVDELLRYNLSIGDALPRIALADVRLGEVEIRAGE
LVLVLIEGANYDPAVFPHPERIDFDRESNPHLAFGGGQHFCPASALGRTHAEIALTALVEKLPALRLALPVEQLAWRPGF
IKRLPERLPVLW
;
_entity_poly.pdbx_strand_id   A
#
loop_
_chem_comp.id
_chem_comp.type
_chem_comp.name
_chem_comp.formula
GUN non-polymer GUANINE 'C5 H5 N5 O'
HEM non-polymer 'PROTOPORPHYRIN IX CONTAINING FE' 'C34 H32 Fe N4 O4'
UYM non-polymer (3S,6S)-3,6-bis[(1H-indol-3-yl)methyl]piperazine-2,5-dione 'C22 H20 N4 O2'
#
# COMPACT_ATOMS: atom_id res chain seq x y z
N PRO A 18 28.09 6.86 20.03
CA PRO A 18 27.80 5.66 19.24
C PRO A 18 27.17 5.98 17.88
N PRO A 19 27.10 4.98 16.99
CA PRO A 19 26.50 5.21 15.66
C PRO A 19 25.09 4.63 15.55
N LEU A 20 24.13 5.45 15.15
CA LEU A 20 22.73 5.01 15.11
C LEU A 20 22.52 4.00 13.98
N PRO A 21 21.59 3.06 14.15
CA PRO A 21 21.16 2.25 12.99
C PRO A 21 20.56 3.13 11.91
N ASP A 22 20.83 2.78 10.65
CA ASP A 22 20.22 3.51 9.55
C ASP A 22 18.82 2.99 9.25
N PHE A 23 17.97 3.89 8.75
CA PHE A 23 16.65 3.59 8.24
C PHE A 23 16.50 4.32 6.91
N PRO A 24 15.87 3.72 5.90
CA PRO A 24 15.11 2.46 5.86
C PRO A 24 15.98 1.22 5.80
N LEU A 25 15.35 0.06 5.87
CA LEU A 25 16.01 -1.23 5.78
C LEU A 25 16.17 -1.67 4.32
N SER A 26 16.74 -2.86 4.13
CA SER A 26 17.01 -3.44 2.81
C SER A 26 15.80 -3.33 1.89
N ARG A 27 16.06 -3.03 0.61
CA ARG A 27 15.03 -2.99 -0.42
C ARG A 27 14.56 -4.37 -0.85
N ARG A 28 15.30 -5.42 -0.50
CA ARG A 28 14.92 -6.78 -0.87
C ARG A 28 13.64 -7.19 -0.15
N GLY A 29 12.66 -7.68 -0.90
CA GLY A 29 11.33 -7.89 -0.33
C GLY A 29 10.89 -9.34 -0.19
N ASP A 30 11.73 -10.31 -0.55
CA ASP A 30 11.25 -11.70 -0.48
C ASP A 30 11.62 -12.40 0.82
N ILE A 31 12.42 -11.76 1.68
CA ILE A 31 12.74 -12.29 3.01
C ILE A 31 12.78 -11.12 3.98
N LEU A 32 12.41 -11.38 5.23
CA LEU A 32 12.46 -10.31 6.23
C LEU A 32 13.90 -9.81 6.36
N PRO A 33 14.13 -8.49 6.39
CA PRO A 33 15.50 -8.01 6.67
C PRO A 33 15.97 -8.50 8.03
N ALA A 34 17.19 -9.06 8.06
CA ALA A 34 17.82 -9.47 9.31
C ALA A 34 17.80 -8.35 10.33
N GLU A 35 17.98 -7.10 9.88
CA GLU A 35 18.00 -5.99 10.82
C GLU A 35 16.64 -5.80 11.50
N ALA A 36 15.55 -6.13 10.83
CA ALA A 36 14.24 -5.98 11.45
C ALA A 36 14.09 -6.94 12.63
N GLU A 37 14.62 -8.16 12.49
CA GLU A 37 14.61 -9.09 13.61
C GLU A 37 15.54 -8.63 14.73
N ARG A 38 16.71 -8.10 14.40
CA ARG A 38 17.63 -7.63 15.44
C ARG A 38 17.06 -6.44 16.19
N LEU A 39 16.49 -5.47 15.47
CA LEU A 39 15.88 -4.33 16.15
C LEU A 39 14.79 -4.78 17.11
N ARG A 40 13.92 -5.68 16.67
CA ARG A 40 12.81 -6.09 17.54
C ARG A 40 13.32 -6.80 18.78
N ALA A 41 14.36 -7.63 18.63
CA ALA A 41 14.86 -8.42 19.75
C ALA A 41 15.69 -7.58 20.72
N GLU A 42 16.45 -6.62 20.20
CA GLU A 42 17.43 -5.92 21.02
C GLU A 42 16.98 -4.52 21.45
N GLN A 43 16.23 -3.81 20.61
CA GLN A 43 15.80 -2.45 20.94
C GLN A 43 14.50 -2.17 20.23
N PRO A 44 13.39 -2.75 20.70
CA PRO A 44 12.10 -2.60 20.00
C PRO A 44 11.65 -1.16 19.88
N VAL A 45 12.24 -0.25 20.67
CA VAL A 45 12.13 1.19 20.45
C VAL A 45 13.55 1.69 20.32
N ALA A 46 13.93 2.12 19.13
CA ALA A 46 15.32 2.38 18.80
C ALA A 46 15.47 3.74 18.12
N ARG A 47 16.47 4.50 18.56
CA ARG A 47 16.81 5.75 17.91
C ARG A 47 17.52 5.40 16.59
N VAL A 48 16.99 5.90 15.47
CA VAL A 48 17.60 5.63 14.18
C VAL A 48 17.85 6.95 13.45
N ARG A 49 18.73 6.88 12.45
CA ARG A 49 18.97 8.00 11.55
C ARG A 49 18.28 7.69 10.23
N THR A 50 17.30 8.52 9.86
CA THR A 50 16.60 8.33 8.59
C THR A 50 17.43 8.84 7.42
N MET A 51 16.93 8.58 6.21
CA MET A 51 17.65 8.98 5.00
C MET A 51 17.80 10.49 4.89
N THR A 52 16.98 11.27 5.59
CA THR A 52 17.19 12.72 5.57
C THR A 52 18.32 13.16 6.50
N GLY A 53 18.83 12.29 7.35
CA GLY A 53 19.71 12.69 8.42
C GLY A 53 19.00 13.02 9.72
N ASP A 54 17.68 13.14 9.70
CA ASP A 54 16.91 13.36 10.91
C ASP A 54 16.90 12.11 11.77
N GLU A 55 16.61 12.29 13.06
CA GLU A 55 16.52 11.15 13.96
C GLU A 55 15.07 10.81 14.24
N ALA A 56 14.83 9.54 14.57
CA ALA A 56 13.47 9.07 14.80
C ALA A 56 13.50 7.89 15.78
N TRP A 57 12.33 7.62 16.38
CA TRP A 57 12.12 6.43 17.18
C TRP A 57 11.46 5.36 16.30
N LEU A 58 12.19 4.28 16.03
CA LEU A 58 11.70 3.16 15.26
C LEU A 58 11.13 2.09 16.19
N VAL A 59 9.88 1.73 15.97
CA VAL A 59 9.13 0.82 16.83
C VAL A 59 8.88 -0.47 16.08
N SER A 60 9.40 -1.60 16.58
CA SER A 60 9.42 -2.82 15.79
C SER A 60 8.81 -4.04 16.46
N SER A 61 8.33 -3.95 17.69
CA SER A 61 7.61 -5.05 18.32
C SER A 61 6.12 -4.86 18.12
N TYR A 62 5.38 -5.98 18.06
CA TYR A 62 3.95 -5.89 17.79
C TYR A 62 3.23 -5.09 18.87
N GLU A 63 3.53 -5.39 20.13
CA GLU A 63 2.81 -4.76 21.24
C GLU A 63 2.99 -3.25 21.19
N LEU A 64 4.22 -2.78 20.99
CA LEU A 64 4.46 -1.34 20.98
C LEU A 64 4.00 -0.69 19.68
N ALA A 65 4.07 -1.40 18.55
CA ALA A 65 3.53 -0.86 17.32
C ALA A 65 2.03 -0.62 17.44
N LYS A 66 1.29 -1.64 17.89
CA LYS A 66 -0.15 -1.50 18.11
C LYS A 66 -0.45 -0.33 19.03
N GLN A 67 0.32 -0.20 20.12
CA GLN A 67 0.13 0.90 21.06
C GLN A 67 0.20 2.25 20.37
N VAL A 68 1.25 2.45 19.56
CA VAL A 68 1.43 3.73 18.87
C VAL A 68 0.26 4.01 17.95
N LEU A 69 -0.10 3.02 17.13
CA LEU A 69 -1.19 3.20 16.17
C LEU A 69 -2.50 3.54 16.88
N GLU A 70 -2.72 2.99 18.07
CA GLU A 70 -3.98 3.20 18.78
C GLU A 70 -3.97 4.41 19.73
N ASP A 71 -2.85 5.13 19.82
CA ASP A 71 -2.72 6.27 20.72
C ASP A 71 -2.63 7.53 19.89
N ASP A 72 -3.69 8.33 19.91
CA ASP A 72 -3.80 9.51 19.07
C ASP A 72 -2.89 10.66 19.48
N ARG A 73 -2.15 10.53 20.58
CA ARG A 73 -1.08 11.48 20.84
C ARG A 73 0.08 11.34 19.87
N PHE A 74 0.16 10.24 19.13
CA PHE A 74 1.08 10.13 18.01
C PHE A 74 0.27 10.46 16.76
N SER A 75 0.61 11.59 16.14
CA SER A 75 -0.20 12.21 15.11
C SER A 75 0.37 11.95 13.71
N LEU A 76 -0.46 11.41 12.82
CA LEU A 76 -0.06 11.30 11.41
C LEU A 76 -0.13 12.67 10.73
N LYS A 77 -1.24 13.39 10.94
CA LYS A 77 -1.44 14.68 10.28
C LYS A 77 -0.25 15.60 10.47
N ASP A 78 0.35 15.59 11.66
CA ASP A 78 1.44 16.52 11.92
C ASP A 78 2.78 16.10 11.31
N THR A 79 2.88 14.88 10.76
CA THR A 79 4.14 14.50 10.12
C THR A 79 4.46 15.39 8.91
N ALA A 80 3.45 16.05 8.37
CA ALA A 80 3.59 16.95 7.23
C ALA A 80 3.92 18.38 7.62
N ASN A 81 4.00 18.70 8.92
CA ASN A 81 4.20 20.09 9.32
C ASN A 81 5.60 20.58 8.94
N PRO A 82 5.76 21.86 8.64
CA PRO A 82 7.10 22.41 8.41
C PRO A 82 7.95 22.29 9.66
N GLY A 83 9.21 21.94 9.48
CA GLY A 83 10.16 21.90 10.56
C GLY A 83 10.24 20.60 11.34
N VAL A 84 9.27 19.69 11.20
CA VAL A 84 9.31 18.45 11.98
C VAL A 84 10.35 17.52 11.37
N PRO A 85 10.90 16.58 12.13
CA PRO A 85 11.82 15.62 11.51
C PRO A 85 11.04 14.68 10.60
N ARG A 86 11.72 14.20 9.56
CA ARG A 86 11.11 13.45 8.47
C ARG A 86 11.92 12.18 8.18
N GLN A 87 11.21 11.12 7.75
CA GLN A 87 11.91 9.97 7.20
C GLN A 87 12.29 10.19 5.72
N TYR A 88 11.55 11.03 5.00
CA TYR A 88 11.92 11.42 3.65
C TYR A 88 11.15 12.68 3.30
N ALA A 89 11.60 13.33 2.22
CA ALA A 89 10.98 14.59 1.82
C ALA A 89 9.52 14.40 1.46
N LEU A 90 8.71 15.40 1.83
CA LEU A 90 7.32 15.43 1.41
C LEU A 90 7.24 15.62 -0.11
N THR A 91 6.45 14.80 -0.78
CA THR A 91 6.26 14.93 -2.22
C THR A 91 4.85 15.40 -2.58
N ILE A 92 4.02 15.68 -1.59
CA ILE A 92 2.63 16.08 -1.83
C ILE A 92 2.31 17.24 -0.93
N PRO A 93 1.23 17.99 -1.22
CA PRO A 93 0.83 19.07 -0.31
C PRO A 93 0.62 18.53 1.09
N PRO A 94 1.00 19.27 2.13
CA PRO A 94 0.93 18.73 3.50
C PRO A 94 -0.48 18.36 3.92
N GLU A 95 -1.50 19.08 3.44
CA GLU A 95 -2.89 18.73 3.77
C GLU A 95 -3.27 17.35 3.26
N VAL A 96 -2.55 16.81 2.27
CA VAL A 96 -2.94 15.53 1.71
C VAL A 96 -2.53 14.35 2.60
N VAL A 97 -1.50 14.51 3.43
CA VAL A 97 -1.19 13.50 4.41
C VAL A 97 -2.37 13.30 5.36
N ASN A 98 -3.15 14.36 5.59
CA ASN A 98 -4.39 14.32 6.38
C ASN A 98 -5.62 14.16 5.50
N ASN A 99 -5.50 13.35 4.45
CA ASN A 99 -6.58 13.15 3.48
C ASN A 99 -7.91 12.78 4.16
N MET A 100 -7.91 11.72 4.96
CA MET A 100 -9.14 11.28 5.60
C MET A 100 -9.71 12.36 6.51
N GLY A 101 -8.85 13.09 7.22
CA GLY A 101 -9.31 14.18 8.07
C GLY A 101 -10.03 15.27 7.30
N ASN A 102 -9.60 15.55 6.07
CA ASN A 102 -10.28 16.55 5.24
C ASN A 102 -11.54 15.98 4.60
N ILE A 103 -11.48 14.75 4.09
CA ILE A 103 -12.65 14.05 3.55
C ILE A 103 -13.79 14.11 4.56
N ASN A 104 -13.48 13.93 5.84
CA ASN A 104 -14.51 13.93 6.87
C ASN A 104 -15.08 15.32 7.11
N SER A 105 -14.23 16.35 7.14
CA SER A 105 -14.69 17.68 7.53
C SER A 105 -15.53 18.33 6.44
N ALA A 106 -15.30 18.01 5.18
CA ALA A 106 -16.02 18.65 4.08
C ALA A 106 -17.28 17.91 3.66
N GLY A 107 -17.72 16.92 4.44
CA GLY A 107 -18.88 16.13 4.08
C GLY A 107 -18.67 15.17 2.93
N LEU A 108 -17.42 14.80 2.65
CA LEU A 108 -17.07 13.91 1.56
C LEU A 108 -17.08 12.44 1.96
N ARG A 109 -17.22 12.15 3.26
CA ARG A 109 -17.00 10.79 3.74
C ARG A 109 -17.96 9.80 3.08
N ASN A 110 -19.24 10.18 2.95
CA ASN A 110 -20.21 9.24 2.41
C ASN A 110 -19.87 8.88 0.97
N ALA A 111 -19.55 9.88 0.16
CA ALA A 111 -19.15 9.59 -1.21
C ALA A 111 -17.88 8.74 -1.25
N VAL A 112 -16.92 9.05 -0.37
CA VAL A 112 -15.68 8.28 -0.30
C VAL A 112 -15.96 6.86 0.20
N MET A 113 -16.62 6.74 1.35
CA MET A 113 -16.86 5.42 1.93
C MET A 113 -17.69 4.55 1.00
N LYS A 114 -18.67 5.14 0.31
CA LYS A 114 -19.46 4.40 -0.67
C LYS A 114 -18.57 3.90 -1.82
N THR A 115 -17.63 4.74 -2.28
CA THR A 115 -16.74 4.31 -3.36
C THR A 115 -15.83 3.18 -2.90
N LEU A 116 -15.36 3.23 -1.66
CA LEU A 116 -14.42 2.22 -1.17
C LEU A 116 -15.07 0.90 -0.79
N SER A 117 -16.41 0.83 -0.76
CA SER A 117 -17.10 -0.37 -0.31
C SER A 117 -17.31 -1.33 -1.47
N PRO A 118 -16.72 -2.53 -1.44
CA PRO A 118 -17.02 -3.52 -2.50
C PRO A 118 -18.48 -3.94 -2.53
N GLN A 119 -19.21 -3.76 -1.43
CA GLN A 119 -20.63 -4.12 -1.35
C GLN A 119 -21.52 -3.09 -2.02
N ALA A 120 -21.02 -1.87 -2.26
CA ALA A 120 -21.78 -0.84 -2.94
C ALA A 120 -21.68 -0.92 -4.47
N ASP A 121 -20.85 -1.81 -5.00
CA ASP A 121 -20.67 -2.00 -6.45
C ASP A 121 -20.87 -3.49 -6.71
N ARG A 122 -22.14 -3.90 -6.88
CA ARG A 122 -22.44 -5.32 -6.91
C ARG A 122 -21.87 -6.03 -8.14
N GLU A 123 -21.43 -5.31 -9.15
CA GLU A 123 -20.75 -5.94 -10.27
C GLU A 123 -19.23 -6.07 -10.06
N LEU A 124 -18.69 -5.46 -9.02
CA LEU A 124 -17.23 -5.38 -8.86
C LEU A 124 -16.57 -6.75 -8.96
N GLY A 125 -17.05 -7.72 -8.15
CA GLY A 125 -16.49 -9.05 -8.14
C GLY A 125 -16.35 -9.67 -9.51
N GLY A 126 -17.45 -9.80 -10.25
CA GLY A 126 -17.37 -10.39 -11.57
C GLY A 126 -16.53 -9.57 -12.53
N TRP A 127 -16.58 -8.25 -12.41
CA TRP A 127 -15.81 -7.39 -13.30
C TRP A 127 -14.30 -7.55 -13.07
N LEU A 128 -13.89 -7.56 -11.80
CA LEU A 128 -12.48 -7.81 -11.47
C LEU A 128 -12.03 -9.17 -11.98
N GLU A 129 -12.88 -10.18 -11.82
CA GLU A 129 -12.52 -11.51 -12.29
C GLU A 129 -12.33 -11.51 -13.81
N ALA A 130 -13.22 -10.83 -14.55
CA ALA A 130 -13.04 -10.76 -15.99
C ALA A 130 -11.76 -10.00 -16.35
N GLN A 131 -11.47 -8.92 -15.62
CA GLN A 131 -10.24 -8.16 -15.91
C GLN A 131 -9.00 -9.03 -15.70
N ALA A 132 -8.93 -9.73 -14.58
CA ALA A 132 -7.79 -10.63 -14.32
C ALA A 132 -7.65 -11.66 -15.44
N HIS A 133 -8.75 -12.28 -15.85
CA HIS A 133 -8.65 -13.33 -16.85
C HIS A 133 -8.31 -12.79 -18.23
N GLN A 134 -8.80 -11.60 -18.55
CA GLN A 134 -8.41 -10.98 -19.82
C GLN A 134 -6.90 -10.77 -19.86
N LEU A 135 -6.35 -10.21 -18.79
CA LEU A 135 -4.90 -10.01 -18.73
C LEU A 135 -4.15 -11.34 -18.79
N LEU A 136 -4.60 -12.34 -18.05
CA LEU A 136 -3.90 -13.62 -18.04
C LEU A 136 -4.04 -14.35 -19.36
N ASP A 137 -5.23 -14.27 -19.99
CA ASP A 137 -5.39 -14.90 -21.30
C ASP A 137 -4.44 -14.31 -22.33
N ARG A 138 -4.26 -12.99 -22.30
CA ARG A 138 -3.30 -12.34 -23.19
C ARG A 138 -1.89 -12.89 -22.97
N LEU A 139 -1.49 -13.07 -21.69
CA LEU A 139 -0.16 -13.62 -21.42
C LEU A 139 -0.04 -15.06 -21.90
N ILE A 140 -1.07 -15.87 -21.65
CA ILE A 140 -1.05 -17.26 -22.11
C ILE A 140 -0.95 -17.33 -23.63
N GLU A 141 -1.66 -16.45 -24.35
CA GLU A 141 -1.56 -16.44 -25.81
C GLU A 141 -0.12 -16.19 -26.28
N GLN A 142 0.56 -15.23 -25.66
CA GLN A 142 1.94 -14.93 -26.05
C GLN A 142 2.92 -16.01 -25.59
N GLY A 143 2.62 -16.70 -24.49
CA GLY A 143 3.48 -17.75 -24.01
C GLY A 143 4.51 -17.22 -23.03
N PRO A 144 5.03 -18.09 -22.16
CA PRO A 144 5.99 -17.65 -21.14
C PRO A 144 7.36 -17.39 -21.76
N PRO A 145 8.23 -16.61 -21.07
CA PRO A 145 7.97 -15.95 -19.80
C PRO A 145 7.15 -14.67 -19.96
N ALA A 146 6.67 -14.14 -18.84
CA ALA A 146 5.99 -12.86 -18.85
C ALA A 146 6.41 -12.09 -17.61
N ASP A 147 6.31 -10.76 -17.71
CA ASP A 147 6.51 -9.88 -16.56
C ASP A 147 5.14 -9.63 -15.93
N LEU A 148 4.90 -10.25 -14.76
CA LEU A 148 3.59 -10.12 -14.13
C LEU A 148 3.38 -8.76 -13.46
N ARG A 149 4.40 -7.90 -13.41
CA ARG A 149 4.11 -6.54 -12.96
C ARG A 149 3.50 -5.72 -14.10
N ASP A 150 4.25 -5.51 -15.17
CA ASP A 150 3.71 -4.75 -16.31
C ASP A 150 2.57 -5.46 -17.02
N GLY A 151 2.56 -6.79 -16.98
CA GLY A 151 1.54 -7.55 -17.74
C GLY A 151 0.32 -7.89 -16.91
N PHE A 152 0.36 -7.68 -15.59
CA PHE A 152 -0.81 -8.13 -14.76
C PHE A 152 -1.09 -7.13 -13.63
N THR A 153 -0.28 -7.15 -12.57
CA THR A 153 -0.58 -6.30 -11.39
C THR A 153 -0.84 -4.87 -11.81
N GLU A 154 0.09 -4.24 -12.53
CA GLU A 154 -0.06 -2.83 -12.84
C GLU A 154 -1.37 -2.53 -13.59
N PRO A 155 -1.65 -3.16 -14.73
CA PRO A 155 -2.92 -2.82 -15.43
C PRO A 155 -4.15 -3.21 -14.63
N TYR A 156 -4.09 -4.32 -13.89
CA TYR A 156 -5.23 -4.73 -13.06
C TYR A 156 -5.49 -3.73 -11.95
N SER A 157 -4.44 -3.29 -11.27
CA SER A 157 -4.61 -2.31 -10.20
C SER A 157 -5.05 -0.97 -10.74
N ALA A 158 -4.50 -0.57 -11.90
CA ALA A 158 -4.92 0.69 -12.51
C ALA A 158 -6.37 0.61 -12.98
N ALA A 159 -6.76 -0.52 -13.57
CA ALA A 159 -8.13 -0.66 -14.05
C ALA A 159 -9.11 -0.53 -12.90
N LEU A 160 -8.79 -1.12 -11.74
CA LEU A 160 -9.68 -1.05 -10.59
C LEU A 160 -9.85 0.40 -10.15
N HIS A 161 -8.76 1.15 -10.07
CA HIS A 161 -8.85 2.49 -9.52
C HIS A 161 -9.42 3.48 -10.51
N CYS A 162 -9.24 3.26 -11.82
CA CYS A 162 -10.03 4.00 -12.80
C CYS A 162 -11.52 3.75 -12.62
N ARG A 163 -11.90 2.49 -12.37
CA ARG A 163 -13.31 2.17 -12.13
C ARG A 163 -13.82 2.88 -10.87
N LEU A 164 -13.02 2.83 -9.80
CA LEU A 164 -13.37 3.51 -8.56
C LEU A 164 -13.67 4.99 -8.78
N LEU A 165 -12.85 5.66 -9.59
CA LEU A 165 -13.02 7.10 -9.81
C LEU A 165 -14.07 7.41 -10.85
N GLY A 166 -14.38 6.47 -11.74
CA GLY A 166 -15.26 6.75 -12.86
C GLY A 166 -14.58 7.38 -14.04
N ILE A 167 -13.33 7.05 -14.31
CA ILE A 167 -12.59 7.58 -15.45
C ILE A 167 -12.23 6.40 -16.34
N PRO A 168 -11.99 6.64 -17.63
CA PRO A 168 -11.56 5.54 -18.51
C PRO A 168 -10.13 5.13 -18.17
N THR A 169 -9.74 3.97 -18.71
CA THR A 169 -8.40 3.42 -18.52
C THR A 169 -7.42 3.85 -19.62
N ASP A 170 -7.83 4.74 -20.54
CA ASP A 170 -7.01 5.06 -21.70
C ASP A 170 -5.61 5.51 -21.29
N ASP A 171 -5.50 6.28 -20.21
CA ASP A 171 -4.22 6.87 -19.82
C ASP A 171 -3.62 6.17 -18.60
N TRP A 172 -3.89 4.87 -18.42
CA TRP A 172 -3.45 4.20 -17.20
C TRP A 172 -1.93 4.16 -17.10
N ARG A 173 -1.22 4.03 -18.23
CA ARG A 173 0.24 4.02 -18.16
C ARG A 173 0.78 5.36 -17.68
N ARG A 174 0.23 6.46 -18.22
CA ARG A 174 0.63 7.79 -17.76
C ARG A 174 0.33 7.97 -16.28
N LEU A 175 -0.82 7.46 -15.81
CA LEU A 175 -1.17 7.60 -14.40
C LEU A 175 -0.26 6.78 -13.49
N MET A 176 0.05 5.54 -13.88
CA MET A 176 0.99 4.74 -13.09
C MET A 176 2.38 5.34 -13.12
N SER A 177 2.74 6.06 -14.20
CA SER A 177 4.04 6.72 -14.20
C SER A 177 4.07 7.90 -13.24
N GLY A 178 2.92 8.55 -13.04
CA GLY A 178 2.84 9.58 -12.00
C GLY A 178 3.09 9.01 -10.62
N ILE A 179 2.62 7.77 -10.40
CA ILE A 179 2.88 7.09 -9.13
C ILE A 179 4.37 6.83 -8.94
N ASP A 180 5.08 6.51 -10.03
CA ASP A 180 6.52 6.26 -9.96
C ASP A 180 7.31 7.46 -9.46
N VAL A 181 6.78 8.67 -9.64
CA VAL A 181 7.42 9.88 -9.14
C VAL A 181 6.87 10.27 -7.78
N ALA A 182 5.55 10.19 -7.63
CA ALA A 182 4.88 10.68 -6.42
C ALA A 182 5.32 9.92 -5.17
N PHE A 183 5.65 8.63 -5.30
CA PHE A 183 5.98 7.82 -4.13
C PHE A 183 7.49 7.59 -3.97
N ILE A 184 8.30 8.42 -4.61
CA ILE A 184 9.75 8.42 -4.39
C ILE A 184 10.05 8.87 -2.97
N THR A 185 11.06 8.23 -2.34
CA THR A 185 11.61 8.64 -1.07
C THR A 185 12.94 9.34 -1.32
N SER A 186 13.01 10.64 -1.00
CA SER A 186 14.21 11.44 -1.27
C SER A 186 14.69 12.10 0.00
N PRO A 187 16.01 12.18 0.22
CA PRO A 187 16.51 12.90 1.40
C PRO A 187 16.10 14.36 1.45
N ARG A 188 16.00 15.03 0.30
CA ARG A 188 15.61 16.43 0.22
C ARG A 188 14.50 16.58 -0.82
N THR A 189 13.72 17.67 -0.71
CA THR A 189 12.70 17.93 -1.71
C THR A 189 13.34 17.98 -3.10
N PHE A 190 12.62 17.51 -4.10
CA PHE A 190 13.19 17.48 -5.47
C PHE A 190 12.26 18.21 -6.43
N GLU A 191 12.76 19.08 -7.28
CA GLU A 191 11.84 19.68 -8.28
C GLU A 191 11.14 18.46 -8.86
N GLY A 192 9.98 18.62 -9.45
CA GLY A 192 9.40 17.37 -9.98
C GLY A 192 8.28 16.76 -9.19
N SER A 193 8.46 16.67 -7.88
CA SER A 193 7.37 16.19 -6.99
C SER A 193 6.16 17.13 -7.18
N ALA A 194 6.38 18.44 -7.04
CA ALA A 194 5.29 19.42 -7.18
C ALA A 194 4.80 19.44 -8.62
N VAL A 195 5.72 19.51 -9.58
CA VAL A 195 5.28 19.52 -10.97
C VAL A 195 4.42 18.30 -11.25
N ASN A 196 4.87 17.14 -10.75
CA ASN A 196 4.14 15.89 -10.97
C ASN A 196 2.77 15.92 -10.30
N TRP A 197 2.69 16.48 -9.10
CA TRP A 197 1.42 16.54 -8.39
C TRP A 197 0.42 17.39 -9.17
N TYR A 198 0.82 18.62 -9.52
CA TYR A 198 -0.12 19.50 -10.22
C TYR A 198 -0.46 18.98 -11.62
N LYS A 199 0.44 18.21 -12.22
CA LYS A 199 0.15 17.58 -13.51
C LYS A 199 -1.06 16.67 -13.42
N ASP A 200 -1.06 15.74 -12.45
CA ASP A 200 -2.17 14.81 -12.38
C ASP A 200 -3.36 15.37 -11.62
N LEU A 201 -3.14 16.39 -10.78
CA LEU A 201 -4.28 17.12 -10.22
C LEU A 201 -5.09 17.77 -11.34
N GLY A 202 -4.40 18.37 -12.31
CA GLY A 202 -5.10 18.95 -13.46
C GLY A 202 -5.81 17.90 -14.29
N TYR A 203 -5.20 16.73 -14.43
CA TYR A 203 -5.86 15.62 -15.12
C TYR A 203 -7.19 15.29 -14.46
N MET A 204 -7.19 15.20 -13.13
CA MET A 204 -8.41 14.86 -12.40
C MET A 204 -9.45 15.98 -12.49
N VAL A 205 -9.02 17.23 -12.39
CA VAL A 205 -9.93 18.36 -12.62
C VAL A 205 -10.60 18.24 -13.98
N ASP A 206 -9.80 18.02 -15.02
CA ASP A 206 -10.31 17.88 -16.37
C ASP A 206 -11.38 16.78 -16.47
N ARG A 207 -11.16 15.66 -15.78
CA ARG A 207 -12.16 14.58 -15.82
C ARG A 207 -13.43 14.98 -15.07
N LEU A 208 -13.27 15.64 -13.91
CA LEU A 208 -14.42 16.07 -13.14
C LEU A 208 -15.24 17.11 -13.89
N ASN A 209 -14.57 17.98 -14.66
CA ASN A 209 -15.21 19.10 -15.32
C ASN A 209 -15.43 18.86 -16.81
N ALA A 210 -15.53 17.60 -17.20
CA ALA A 210 -15.82 17.30 -18.61
C ALA A 210 -17.25 17.75 -18.93
N ASP A 211 -17.47 18.22 -20.16
CA ASP A 211 -18.81 18.72 -20.56
C ASP A 211 -19.78 17.55 -20.39
N PRO A 212 -19.61 16.40 -21.07
CA PRO A 212 -20.45 15.26 -20.73
C PRO A 212 -20.07 14.92 -19.29
N GLU A 213 -20.58 15.67 -18.31
CA GLU A 213 -20.21 15.46 -16.89
C GLU A 213 -20.09 13.99 -16.49
N PRO A 214 -19.12 13.62 -15.63
CA PRO A 214 -18.97 12.22 -15.20
C PRO A 214 -20.18 11.75 -14.43
N THR A 215 -20.71 10.62 -14.87
CA THR A 215 -21.45 9.72 -14.00
C THR A 215 -20.52 8.59 -13.60
N GLU A 216 -20.99 7.74 -12.70
CA GLU A 216 -20.24 6.56 -12.24
C GLU A 216 -19.04 6.91 -11.37
N GLY A 217 -18.88 6.17 -10.28
CA GLY A 217 -17.72 6.25 -9.43
C GLY A 217 -17.64 7.52 -8.61
N LEU A 218 -16.43 7.75 -8.10
CA LEU A 218 -16.18 8.86 -7.19
C LEU A 218 -16.39 10.20 -7.87
N LEU A 219 -15.98 10.32 -9.13
CA LEU A 219 -16.15 11.60 -9.81
C LEU A 219 -17.61 11.84 -10.13
N GLY A 220 -18.38 10.77 -10.38
CA GLY A 220 -19.81 10.92 -10.56
C GLY A 220 -20.49 11.40 -9.30
N ARG A 221 -20.13 10.79 -8.16
CA ARG A 221 -20.66 11.26 -6.88
C ARG A 221 -20.21 12.67 -6.56
N PHE A 222 -18.98 13.04 -6.92
CA PHE A 222 -18.50 14.40 -6.70
C PHE A 222 -19.30 15.41 -7.51
N ALA A 223 -19.57 15.09 -8.79
CA ALA A 223 -20.36 15.97 -9.65
C ALA A 223 -21.74 16.22 -9.07
N GLU A 224 -22.39 15.15 -8.59
CA GLU A 224 -23.70 15.31 -7.96
C GLU A 224 -23.61 16.16 -6.71
N LEU A 225 -22.52 15.98 -5.94
CA LEU A 225 -22.42 16.61 -4.64
C LEU A 225 -22.33 18.13 -4.74
N ARG A 226 -21.72 18.58 -5.85
CA ARG A 226 -21.53 20.02 -6.10
C ARG A 226 -22.86 20.69 -6.45
N ARG A 227 -23.70 20.04 -7.24
CA ARG A 227 -25.00 20.62 -7.65
C ARG A 227 -25.96 20.63 -6.47
N SER A 228 -25.63 19.90 -5.39
CA SER A 228 -26.51 19.84 -4.21
C SER A 228 -26.39 21.12 -3.39
N PRO A 229 -27.36 21.45 -2.52
CA PRO A 229 -27.23 22.60 -1.64
C PRO A 229 -26.92 22.20 -0.20
N VAL A 235 -16.50 23.16 -0.35
CA VAL A 235 -15.59 22.22 -0.98
C VAL A 235 -15.38 22.67 -2.43
N SER A 236 -14.12 22.71 -2.88
CA SER A 236 -13.75 23.30 -4.16
C SER A 236 -13.35 22.20 -5.16
N ASP A 237 -13.15 22.64 -6.41
CA ASP A 237 -12.68 21.72 -7.44
C ASP A 237 -11.30 21.16 -7.11
N GLU A 238 -10.41 21.99 -6.56
CA GLU A 238 -9.08 21.51 -6.18
C GLU A 238 -9.17 20.43 -5.11
N LEU A 239 -10.04 20.61 -4.12
CA LEU A 239 -10.14 19.61 -3.06
C LEU A 239 -10.70 18.30 -3.61
N LEU A 240 -11.73 18.38 -4.45
CA LEU A 240 -12.33 17.17 -5.01
C LEU A 240 -11.29 16.37 -5.80
N ALA A 241 -10.55 17.05 -6.69
CA ALA A 241 -9.53 16.36 -7.49
C ALA A 241 -8.39 15.85 -6.62
N THR A 242 -8.06 16.57 -5.55
CA THR A 242 -7.02 16.10 -4.63
C THR A 242 -7.42 14.76 -4.01
N VAL A 243 -8.69 14.64 -3.58
CA VAL A 243 -9.14 13.38 -3.01
C VAL A 243 -9.09 12.28 -4.06
N ALA A 244 -9.58 12.57 -5.27
CA ALA A 244 -9.51 11.61 -6.36
C ALA A 244 -8.07 11.18 -6.63
N LEU A 245 -7.16 12.15 -6.74
CA LEU A 245 -5.78 11.82 -7.11
C LEU A 245 -5.11 10.99 -6.01
N SER A 246 -5.30 11.37 -4.75
CA SER A 246 -4.57 10.66 -3.70
C SER A 246 -5.17 9.28 -3.43
N LEU A 247 -6.47 9.10 -3.66
CA LEU A 247 -7.04 7.76 -3.56
C LEU A 247 -6.55 6.89 -4.71
N PHE A 248 -6.49 7.45 -5.92
CA PHE A 248 -5.99 6.68 -7.04
C PHE A 248 -4.56 6.23 -6.79
N GLY A 249 -3.69 7.18 -6.44
CA GLY A 249 -2.28 6.85 -6.30
C GLY A 249 -2.03 5.90 -5.15
N ALA A 250 -2.57 6.21 -3.97
CA ALA A 250 -2.36 5.37 -2.81
C ALA A 250 -2.93 3.98 -3.01
N GLY A 251 -4.13 3.88 -3.59
CA GLY A 251 -4.74 2.58 -3.78
C GLY A 251 -4.00 1.74 -4.83
N ALA A 252 -3.70 2.34 -5.97
CA ALA A 252 -3.10 1.58 -7.06
C ALA A 252 -1.70 1.09 -6.67
N VAL A 253 -0.90 1.97 -6.03
CA VAL A 253 0.46 1.58 -5.68
C VAL A 253 0.48 0.52 -4.59
N SER A 254 -0.48 0.57 -3.66
CA SER A 254 -0.49 -0.37 -2.54
C SER A 254 -1.01 -1.75 -2.98
N THR A 255 -2.07 -1.78 -3.78
CA THR A 255 -2.59 -3.06 -4.25
C THR A 255 -1.65 -3.70 -5.25
N SER A 256 -1.06 -2.92 -6.15
CA SER A 256 -0.12 -3.51 -7.10
C SER A 256 1.08 -4.10 -6.38
N ALA A 257 1.64 -3.36 -5.40
CA ALA A 257 2.84 -3.85 -4.73
C ALA A 257 2.53 -5.08 -3.88
N PHE A 258 1.41 -5.04 -3.13
CA PHE A 258 1.07 -6.22 -2.35
C PHE A 258 0.84 -7.43 -3.24
N LEU A 259 0.11 -7.26 -4.34
CA LEU A 259 -0.13 -8.40 -5.22
C LEU A 259 1.18 -8.95 -5.76
N GLN A 260 2.15 -8.08 -6.05
CA GLN A 260 3.43 -8.60 -6.52
C GLN A 260 4.09 -9.46 -5.46
N HIS A 261 4.07 -9.02 -4.20
CA HIS A 261 4.63 -9.83 -3.12
C HIS A 261 3.88 -11.15 -2.94
N ALA A 262 2.56 -11.12 -3.09
CA ALA A 262 1.78 -12.35 -2.97
C ALA A 262 2.13 -13.32 -4.10
N ILE A 263 2.33 -12.79 -5.31
CA ILE A 263 2.67 -13.63 -6.44
C ILE A 263 4.01 -14.32 -6.22
N ILE A 264 5.00 -13.58 -5.72
CA ILE A 264 6.30 -14.18 -5.43
C ILE A 264 6.16 -15.33 -4.45
N ALA A 265 5.33 -15.18 -3.42
CA ALA A 265 5.15 -16.24 -2.44
C ALA A 265 4.58 -17.49 -3.10
N LEU A 266 3.53 -17.33 -3.92
CA LEU A 266 2.90 -18.49 -4.57
C LEU A 266 3.82 -19.09 -5.63
N ALA A 267 4.70 -18.30 -6.23
CA ALA A 267 5.66 -18.86 -7.18
C ALA A 267 6.76 -19.63 -6.45
N GLN A 268 7.21 -19.12 -5.32
CA GLN A 268 8.30 -19.78 -4.59
C GLN A 268 7.79 -20.95 -3.74
N GLN A 269 6.51 -20.97 -3.41
CA GLN A 269 5.94 -22.01 -2.55
C GLN A 269 4.72 -22.57 -3.25
N PRO A 270 4.94 -23.40 -4.28
CA PRO A 270 3.81 -23.90 -5.08
C PRO A 270 2.82 -24.76 -4.30
N GLU A 271 3.19 -25.26 -3.12
CA GLU A 271 2.21 -25.99 -2.31
C GLU A 271 1.08 -25.07 -1.87
N LEU A 272 1.34 -23.77 -1.76
CA LEU A 272 0.29 -22.81 -1.42
C LEU A 272 -0.71 -22.67 -2.55
N ALA A 273 -0.22 -22.65 -3.79
CA ALA A 273 -1.11 -22.60 -4.94
C ALA A 273 -1.92 -23.89 -5.08
N ASP A 274 -1.30 -25.03 -4.72
CA ASP A 274 -2.06 -26.29 -4.70
C ASP A 274 -3.20 -26.21 -3.69
N ARG A 275 -2.93 -25.61 -2.52
CA ARG A 275 -3.98 -25.43 -1.52
C ARG A 275 -5.12 -24.58 -2.07
N LEU A 276 -4.79 -23.48 -2.75
CA LEU A 276 -5.83 -22.58 -3.26
C LEU A 276 -6.66 -23.25 -4.34
N ARG A 277 -6.02 -24.04 -5.21
CA ARG A 277 -6.78 -24.77 -6.23
C ARG A 277 -7.65 -25.85 -5.60
N ALA A 278 -7.16 -26.52 -4.55
CA ALA A 278 -7.94 -27.60 -3.96
C ALA A 278 -9.08 -27.08 -3.09
N GLU A 279 -8.89 -25.93 -2.43
CA GLU A 279 -9.85 -25.40 -1.45
C GLU A 279 -10.08 -23.92 -1.75
N PRO A 280 -10.81 -23.62 -2.83
CA PRO A 280 -10.95 -22.22 -3.26
C PRO A 280 -11.47 -21.29 -2.18
N ALA A 281 -12.27 -21.80 -1.25
CA ALA A 281 -12.84 -20.95 -0.21
C ALA A 281 -11.82 -20.50 0.83
N VAL A 282 -10.61 -21.05 0.83
CA VAL A 282 -9.59 -20.58 1.78
C VAL A 282 -8.94 -19.29 1.31
N ILE A 283 -9.35 -18.75 0.16
CA ILE A 283 -8.66 -17.58 -0.40
C ILE A 283 -8.69 -16.42 0.58
N GLY A 284 -9.78 -16.28 1.35
CA GLY A 284 -9.87 -15.19 2.32
C GLY A 284 -8.82 -15.30 3.42
N ARG A 285 -8.68 -16.49 4.01
CA ARG A 285 -7.64 -16.69 5.00
C ARG A 285 -6.26 -16.63 4.39
N ALA A 286 -6.12 -17.10 3.15
CA ALA A 286 -4.82 -17.10 2.50
C ALA A 286 -4.33 -15.68 2.27
N VAL A 287 -5.21 -14.80 1.80
CA VAL A 287 -4.81 -13.42 1.57
C VAL A 287 -4.54 -12.74 2.89
N ASP A 288 -5.28 -13.10 3.95
CA ASP A 288 -5.02 -12.53 5.27
C ASP A 288 -3.61 -12.88 5.77
N GLU A 289 -3.16 -14.11 5.52
CA GLU A 289 -1.81 -14.49 5.90
C GLU A 289 -0.76 -13.88 4.98
N LEU A 290 -1.02 -13.85 3.66
CA LEU A 290 -0.07 -13.18 2.77
C LEU A 290 0.06 -11.71 3.13
N LEU A 291 -1.01 -11.08 3.62
CA LEU A 291 -0.95 -9.70 4.10
C LEU A 291 -0.02 -9.56 5.30
N ARG A 292 -0.17 -10.44 6.29
CA ARG A 292 0.77 -10.43 7.41
C ARG A 292 2.21 -10.56 6.92
N TYR A 293 2.43 -11.49 5.99
CA TYR A 293 3.78 -11.82 5.57
C TYR A 293 4.40 -10.76 4.69
N ASN A 294 3.58 -9.98 4.00
CA ASN A 294 4.07 -9.22 2.86
C ASN A 294 4.93 -8.05 3.30
N LEU A 295 5.99 -7.79 2.54
CA LEU A 295 6.97 -6.76 2.86
C LEU A 295 6.85 -5.55 1.92
N SER A 296 5.65 -5.30 1.38
CA SER A 296 5.54 -4.23 0.38
C SER A 296 5.68 -2.86 1.01
N ILE A 297 5.34 -2.71 2.29
CA ILE A 297 5.58 -1.43 2.93
C ILE A 297 7.10 -1.30 3.11
N GLY A 298 7.71 -0.39 2.37
CA GLY A 298 9.15 -0.23 2.38
C GLY A 298 9.65 0.93 3.20
N ASP A 299 8.75 1.63 3.92
CA ASP A 299 9.14 2.65 4.88
C ASP A 299 8.35 2.27 6.14
N ALA A 300 8.33 3.16 7.13
CA ALA A 300 7.52 2.94 8.33
C ALA A 300 6.36 3.90 8.46
N LEU A 301 5.35 3.52 9.23
CA LEU A 301 4.20 4.42 9.38
C LEU A 301 4.62 5.56 10.30
N PRO A 302 4.54 6.82 9.86
CA PRO A 302 5.13 7.92 10.65
C PRO A 302 4.12 8.63 11.54
N ARG A 303 4.60 9.10 12.69
CA ARG A 303 3.78 9.88 13.62
C ARG A 303 4.67 10.89 14.32
N ILE A 304 4.11 12.06 14.62
CA ILE A 304 4.78 13.04 15.48
C ILE A 304 4.11 13.00 16.85
N ALA A 305 4.93 12.86 17.89
CA ALA A 305 4.42 12.87 19.26
C ALA A 305 3.90 14.27 19.61
N LEU A 306 2.63 14.37 19.97
CA LEU A 306 2.04 15.63 20.37
C LEU A 306 2.25 15.95 21.85
N ALA A 307 2.69 14.98 22.64
CA ALA A 307 2.98 15.15 24.05
C ALA A 307 4.09 14.17 24.42
N ASP A 308 4.62 14.30 25.62
CA ASP A 308 5.59 13.31 26.09
C ASP A 308 4.85 12.02 26.41
N VAL A 309 5.38 10.89 25.94
CA VAL A 309 4.77 9.59 26.12
C VAL A 309 5.88 8.60 26.41
N ARG A 310 5.67 7.74 27.40
CA ARG A 310 6.58 6.63 27.63
C ARG A 310 6.09 5.43 26.84
N LEU A 311 6.99 4.85 26.05
CA LEU A 311 6.68 3.72 25.19
C LEU A 311 7.76 2.68 25.40
N GLY A 312 7.37 1.51 25.89
CA GLY A 312 8.38 0.54 26.27
C GLY A 312 9.30 1.16 27.32
N GLU A 313 10.60 1.07 27.07
CA GLU A 313 11.63 1.57 27.96
C GLU A 313 12.12 2.96 27.59
N VAL A 314 11.43 3.67 26.70
CA VAL A 314 11.93 4.91 26.13
C VAL A 314 10.96 6.05 26.43
N GLU A 315 11.50 7.20 26.81
CA GLU A 315 10.71 8.41 27.01
C GLU A 315 10.73 9.20 25.70
N ILE A 316 9.59 9.25 25.02
CA ILE A 316 9.47 9.99 23.77
C ILE A 316 8.98 11.40 24.09
N ARG A 317 9.68 12.40 23.56
CA ARG A 317 9.38 13.81 23.82
C ARG A 317 8.50 14.40 22.72
N ALA A 318 7.67 15.37 23.09
CA ALA A 318 6.78 15.99 22.11
C ALA A 318 7.58 16.54 20.94
N GLY A 319 7.04 16.40 19.73
CA GLY A 319 7.71 16.87 18.55
C GLY A 319 8.64 15.88 17.87
N GLU A 320 8.96 14.76 18.51
CA GLU A 320 9.86 13.79 17.91
C GLU A 320 9.10 12.90 16.93
N LEU A 321 9.85 12.32 15.98
CA LEU A 321 9.29 11.47 14.96
C LEU A 321 9.30 10.02 15.42
N VAL A 322 8.17 9.36 15.28
CA VAL A 322 8.02 7.96 15.65
C VAL A 322 7.64 7.20 14.39
N LEU A 323 8.27 6.04 14.19
CA LEU A 323 8.15 5.25 12.96
C LEU A 323 7.75 3.84 13.33
N VAL A 324 6.58 3.41 12.87
CA VAL A 324 6.06 2.08 13.18
C VAL A 324 6.52 1.12 12.10
N LEU A 325 7.35 0.14 12.48
CA LEU A 325 7.90 -0.84 11.53
C LEU A 325 6.93 -2.02 11.43
N ILE A 326 6.13 -2.04 10.34
CA ILE A 326 5.04 -3.00 10.25
C ILE A 326 5.57 -4.42 10.14
N GLU A 327 6.67 -4.63 9.41
CA GLU A 327 7.20 -5.98 9.27
C GLU A 327 7.81 -6.48 10.56
N GLY A 328 8.35 -5.58 11.39
CA GLY A 328 8.77 -6.01 12.71
C GLY A 328 7.61 -6.52 13.54
N ALA A 329 6.50 -5.80 13.52
CA ALA A 329 5.32 -6.24 14.28
C ALA A 329 4.73 -7.52 13.71
N ASN A 330 4.62 -7.62 12.39
CA ASN A 330 3.92 -8.75 11.78
C ASN A 330 4.74 -10.04 11.81
N TYR A 331 6.04 -9.95 12.12
CA TYR A 331 6.89 -11.11 12.28
C TYR A 331 7.31 -11.32 13.74
N ASP A 332 6.58 -10.71 14.66
CA ASP A 332 6.90 -10.82 16.10
C ASP A 332 6.50 -12.18 16.62
N PRO A 333 7.45 -13.04 17.01
CA PRO A 333 7.08 -14.40 17.46
C PRO A 333 6.34 -14.43 18.78
N ALA A 334 6.31 -13.32 19.53
CA ALA A 334 5.46 -13.29 20.71
C ALA A 334 3.98 -13.33 20.34
N VAL A 335 3.64 -12.93 19.10
CA VAL A 335 2.27 -12.91 18.64
C VAL A 335 2.03 -13.91 17.51
N PHE A 336 3.02 -14.11 16.65
CA PHE A 336 2.86 -15.04 15.52
C PHE A 336 3.90 -16.14 15.59
N PRO A 337 3.54 -17.33 16.03
CA PRO A 337 4.51 -18.44 16.03
C PRO A 337 4.99 -18.71 14.61
N HIS A 338 6.20 -19.26 14.51
CA HIS A 338 6.95 -19.46 13.26
C HIS A 338 6.62 -18.35 12.27
N PRO A 339 6.93 -17.09 12.60
CA PRO A 339 6.48 -15.97 11.75
C PRO A 339 7.10 -15.98 10.37
N GLU A 340 8.24 -16.63 10.21
CA GLU A 340 8.95 -16.68 8.93
C GLU A 340 8.36 -17.71 7.99
N ARG A 341 7.34 -18.46 8.42
CA ARG A 341 6.72 -19.52 7.62
C ARG A 341 5.29 -19.11 7.31
N ILE A 342 4.95 -19.04 6.01
CA ILE A 342 3.57 -18.79 5.62
C ILE A 342 2.70 -19.94 6.08
N ASP A 343 1.56 -19.61 6.66
CA ASP A 343 0.69 -20.59 7.32
C ASP A 343 -0.73 -20.09 7.14
N PHE A 344 -1.49 -20.72 6.26
CA PHE A 344 -2.86 -20.33 5.99
C PHE A 344 -3.83 -20.79 7.09
N ASP A 345 -3.33 -21.49 8.11
CA ASP A 345 -4.20 -22.10 9.12
C ASP A 345 -3.85 -21.63 10.52
N ARG A 346 -3.43 -20.38 10.66
CA ARG A 346 -3.15 -19.84 11.99
C ARG A 346 -4.45 -19.69 12.79
N GLU A 347 -4.40 -20.04 14.07
CA GLU A 347 -5.58 -19.88 14.91
C GLU A 347 -5.98 -18.42 14.99
N SER A 348 -5.01 -17.53 15.04
CA SER A 348 -5.23 -16.10 15.27
C SER A 348 -4.25 -15.33 14.39
N ASN A 349 -4.73 -14.30 13.69
CA ASN A 349 -3.88 -13.51 12.80
C ASN A 349 -4.22 -12.03 12.90
N PRO A 350 -3.92 -11.39 14.04
CA PRO A 350 -4.25 -9.97 14.23
C PRO A 350 -3.16 -9.04 13.68
N HIS A 351 -2.84 -9.21 12.39
CA HIS A 351 -1.70 -8.52 11.82
C HIS A 351 -2.01 -7.03 11.62
N LEU A 352 -0.95 -6.24 11.42
CA LEU A 352 -1.02 -4.79 11.23
C LEU A 352 -0.78 -4.38 9.78
N ALA A 353 -1.06 -5.25 8.81
CA ALA A 353 -0.76 -4.94 7.41
C ALA A 353 -1.54 -3.73 6.92
N PHE A 354 -2.72 -3.49 7.51
CA PHE A 354 -3.55 -2.33 7.18
C PHE A 354 -3.42 -1.23 8.21
N GLY A 355 -2.47 -1.35 9.14
CA GLY A 355 -2.33 -0.36 10.20
C GLY A 355 -3.22 -0.69 11.37
N GLY A 356 -3.68 0.34 12.07
CA GLY A 356 -4.52 0.15 13.24
C GLY A 356 -4.92 1.51 13.78
N GLY A 357 -5.92 1.49 14.67
CA GLY A 357 -6.35 2.72 15.28
C GLY A 357 -7.08 3.63 14.31
N GLN A 358 -6.94 4.93 14.55
CA GLN A 358 -7.73 5.92 13.80
C GLN A 358 -7.46 5.86 12.30
N HIS A 359 -6.22 5.57 11.90
CA HIS A 359 -5.85 5.65 10.49
C HIS A 359 -5.83 4.28 9.79
N PHE A 360 -6.41 3.25 10.43
CA PHE A 360 -6.58 1.94 9.80
C PHE A 360 -7.13 2.11 8.39
N CYS A 361 -6.57 1.34 7.45
CA CYS A 361 -6.88 1.50 6.04
C CYS A 361 -8.40 1.49 5.81
N PRO A 362 -8.98 2.57 5.27
CA PRO A 362 -10.42 2.57 4.99
C PRO A 362 -10.80 1.72 3.81
N ALA A 363 -9.84 1.19 3.05
CA ALA A 363 -10.12 0.38 1.88
C ALA A 363 -9.69 -1.07 2.06
N SER A 364 -9.59 -1.54 3.30
CA SER A 364 -9.07 -2.88 3.53
C SER A 364 -9.92 -3.95 2.85
N ALA A 365 -11.24 -3.77 2.84
CA ALA A 365 -12.10 -4.75 2.17
C ALA A 365 -11.84 -4.77 0.66
N LEU A 366 -11.68 -3.60 0.07
CA LEU A 366 -11.36 -3.53 -1.35
C LEU A 366 -9.97 -4.11 -1.62
N GLY A 367 -9.03 -3.82 -0.74
CA GLY A 367 -7.69 -4.38 -0.89
C GLY A 367 -7.71 -5.89 -0.88
N ARG A 368 -8.48 -6.48 0.04
CA ARG A 368 -8.58 -7.94 0.09
C ARG A 368 -9.25 -8.49 -1.16
N THR A 369 -10.34 -7.83 -1.60
CA THR A 369 -11.05 -8.28 -2.80
C THR A 369 -10.13 -8.25 -4.02
N HIS A 370 -9.44 -7.14 -4.22
CA HIS A 370 -8.48 -7.00 -5.30
C HIS A 370 -7.55 -8.21 -5.37
N ALA A 371 -6.92 -8.54 -4.23
CA ALA A 371 -5.92 -9.61 -4.20
C ALA A 371 -6.58 -10.99 -4.28
N GLU A 372 -7.67 -11.21 -3.56
CA GLU A 372 -8.31 -12.53 -3.59
C GLU A 372 -8.71 -12.93 -5.00
N ILE A 373 -9.37 -12.01 -5.71
CA ILE A 373 -9.81 -12.30 -7.06
C ILE A 373 -8.62 -12.52 -8.00
N ALA A 374 -7.59 -11.68 -7.90
CA ALA A 374 -6.43 -11.83 -8.78
C ALA A 374 -5.75 -13.18 -8.54
N LEU A 375 -5.54 -13.55 -7.28
CA LEU A 375 -4.78 -14.76 -6.99
C LEU A 375 -5.60 -15.99 -7.35
N THR A 376 -6.91 -15.94 -7.16
CA THR A 376 -7.76 -17.05 -7.60
C THR A 376 -7.63 -17.27 -9.10
N ALA A 377 -7.70 -16.18 -9.87
CA ALA A 377 -7.51 -16.29 -11.31
C ALA A 377 -6.12 -16.82 -11.64
N LEU A 378 -5.10 -16.30 -10.96
CA LEU A 378 -3.71 -16.69 -11.25
C LEU A 378 -3.48 -18.17 -11.06
N VAL A 379 -3.91 -18.74 -9.92
CA VAL A 379 -3.58 -20.13 -9.68
C VAL A 379 -4.39 -21.05 -10.59
N GLU A 380 -5.56 -20.61 -11.02
CA GLU A 380 -6.32 -21.39 -11.99
C GLU A 380 -5.66 -21.37 -13.36
N LYS A 381 -5.25 -20.18 -13.83
CA LYS A 381 -4.78 -20.01 -15.21
C LYS A 381 -3.32 -20.40 -15.41
N LEU A 382 -2.46 -20.17 -14.41
CA LEU A 382 -1.04 -20.51 -14.50
C LEU A 382 -0.71 -21.51 -13.40
N PRO A 383 -1.17 -22.76 -13.51
CA PRO A 383 -0.97 -23.71 -12.41
C PRO A 383 0.49 -24.10 -12.18
N ALA A 384 1.38 -23.95 -13.17
CA ALA A 384 2.78 -24.27 -12.97
C ALA A 384 3.63 -23.02 -12.72
N LEU A 385 2.98 -21.92 -12.31
CA LEU A 385 3.65 -20.65 -12.04
C LEU A 385 4.92 -20.83 -11.20
N ARG A 386 6.01 -20.23 -11.67
CA ARG A 386 7.27 -20.21 -10.94
C ARG A 386 8.10 -19.04 -11.46
N LEU A 387 9.08 -18.59 -10.69
CA LEU A 387 9.94 -17.52 -11.16
C LEU A 387 10.78 -18.01 -12.33
N ALA A 388 11.10 -17.10 -13.26
CA ALA A 388 11.88 -17.48 -14.45
C ALA A 388 13.38 -17.29 -14.20
N LEU A 389 13.77 -17.06 -12.94
CA LEU A 389 15.20 -16.83 -12.59
C LEU A 389 15.27 -16.98 -11.06
N PRO A 390 16.42 -17.31 -10.43
CA PRO A 390 16.45 -17.39 -8.96
C PRO A 390 15.92 -16.12 -8.32
N VAL A 391 15.21 -16.29 -7.19
CA VAL A 391 14.59 -15.15 -6.53
C VAL A 391 15.62 -14.11 -6.15
N GLU A 392 16.86 -14.52 -5.83
CA GLU A 392 17.88 -13.56 -5.43
C GLU A 392 18.29 -12.63 -6.56
N GLN A 393 17.92 -12.93 -7.81
CA GLN A 393 18.31 -12.09 -8.93
C GLN A 393 17.19 -11.15 -9.37
N LEU A 394 16.05 -11.10 -8.67
CA LEU A 394 15.08 -10.05 -8.93
C LEU A 394 15.68 -8.69 -8.63
N ALA A 395 15.32 -7.69 -9.42
CA ALA A 395 15.75 -6.32 -9.19
C ALA A 395 14.72 -5.62 -8.31
N TRP A 396 15.12 -5.26 -7.10
CA TRP A 396 14.22 -4.58 -6.17
C TRP A 396 14.40 -3.07 -6.33
N ARG A 397 13.28 -2.36 -6.45
CA ARG A 397 13.33 -0.94 -6.72
C ARG A 397 13.91 -0.18 -5.52
N PRO A 398 14.87 0.72 -5.74
CA PRO A 398 15.35 1.58 -4.66
C PRO A 398 14.52 2.85 -4.55
N GLY A 399 14.66 3.52 -3.40
CA GLY A 399 14.23 4.91 -3.28
C GLY A 399 12.74 5.13 -3.44
N PHE A 400 11.94 4.16 -3.02
CA PHE A 400 10.50 4.18 -3.23
C PHE A 400 9.82 3.83 -1.92
N ILE A 401 8.60 4.35 -1.71
CA ILE A 401 7.87 4.04 -0.48
C ILE A 401 7.58 2.54 -0.40
N LYS A 402 7.28 1.91 -1.53
CA LYS A 402 7.03 0.48 -1.55
C LYS A 402 8.28 -0.29 -1.91
N ARG A 403 8.37 -1.51 -1.40
CA ARG A 403 9.29 -2.51 -1.92
C ARG A 403 8.60 -3.23 -3.07
N LEU A 404 9.29 -3.35 -4.21
CA LEU A 404 8.67 -4.12 -5.28
C LEU A 404 9.76 -4.54 -6.26
N PRO A 405 9.57 -5.66 -6.94
CA PRO A 405 10.49 -6.03 -8.03
C PRO A 405 10.22 -5.13 -9.24
N GLU A 406 11.29 -4.65 -9.88
CA GLU A 406 11.11 -3.79 -11.05
C GLU A 406 10.41 -4.53 -12.17
N ARG A 407 10.70 -5.82 -12.28
CA ARG A 407 10.09 -6.77 -13.19
C ARG A 407 9.87 -8.06 -12.41
N LEU A 408 8.79 -8.77 -12.75
CA LEU A 408 8.44 -10.04 -12.07
C LEU A 408 8.37 -11.12 -13.14
N PRO A 409 9.50 -11.62 -13.62
CA PRO A 409 9.48 -12.60 -14.72
C PRO A 409 9.17 -13.99 -14.21
N VAL A 410 8.18 -14.64 -14.84
CA VAL A 410 7.68 -15.93 -14.39
C VAL A 410 7.57 -16.86 -15.58
N LEU A 411 7.53 -18.15 -15.28
CA LEU A 411 7.23 -19.20 -16.24
C LEU A 411 5.97 -19.91 -15.78
N TRP A 412 5.37 -20.68 -16.69
CA TRP A 412 4.21 -21.50 -16.32
C TRP A 412 4.04 -22.59 -17.38
N UYM B . -0.22 10.20 -2.87
C UYM B . -3.17 9.75 2.20
O UYM B . -4.31 9.67 1.73
C1 UYM B . -2.02 10.10 1.28
C10 UYM B . 2.25 10.28 -2.43
C11 UYM B . -1.57 9.43 4.08
C12 UYM B . -1.29 7.96 4.46
C15 UYM B . -0.46 10.01 3.21
C2 UYM B . -1.81 8.97 0.23
C3 UYM B . -0.91 9.42 -0.88
C34 UYM B . -1.17 6.99 3.30
C35 UYM B . -2.20 6.30 2.74
C37 UYM B . -0.38 5.66 1.60
C38 UYM B . 0.02 6.59 2.60
C39 UYM B . 1.38 6.91 2.70
C4 UYM B . -1.31 9.82 -2.12
C40 UYM B . 2.28 6.33 1.84
C41 UYM B . 1.86 5.41 0.88
C42 UYM B . 0.54 5.06 0.74
C5 UYM B . 0.92 10.05 -2.10
C6 UYM B . 0.52 9.56 -0.85
C7 UYM B . 1.50 9.31 0.14
C8 UYM B . 2.82 9.55 -0.19
C9 UYM B . 3.19 10.02 -1.45
N1 UYM B . -0.77 10.38 1.98
N2 UYM B . -2.90 9.53 3.49
N36 UYM B . -1.73 5.51 1.71
O1 UYM B . 0.68 10.12 3.68
N9 GUN C . -0.31 3.56 3.83
C8 GUN C . -0.55 2.60 2.94
N7 GUN C . 0.56 2.03 2.46
C5 GUN C . 1.62 2.65 3.07
C6 GUN C . 3.05 2.50 3.00
O6 GUN C . 3.68 1.70 2.30
N1 GUN C . 3.72 3.39 3.82
C2 GUN C . 3.10 4.31 4.64
N2 GUN C . 3.91 5.08 5.38
N3 GUN C . 1.79 4.42 4.72
C4 GUN C . 1.05 3.61 3.93
CHA HEM D . -4.05 3.98 5.08
CHB HEM D . -2.20 -0.34 3.84
CHC HEM D . -4.98 -0.36 -0.14
CHD HEM D . -6.37 4.22 0.83
C1A HEM D . -3.35 2.77 5.14
C2A HEM D . -2.43 2.38 6.21
C3A HEM D . -1.84 1.20 5.80
C4A HEM D . -2.49 0.81 4.56
CMA HEM D . -0.73 0.48 6.50
CAA HEM D . -2.17 3.14 7.46
CBA HEM D . -1.16 4.27 7.31
CGA HEM D . -0.80 4.96 8.62
O1A HEM D . -1.34 4.54 9.66
O2A HEM D . 0.03 5.90 8.59
C1B HEM D . -2.74 -0.74 2.61
C2B HEM D . -2.45 -1.99 1.93
C3B HEM D . -3.33 -1.98 0.81
C4B HEM D . -4.02 -0.78 0.79
CMB HEM D . -1.46 -3.04 2.36
CAB HEM D . -3.58 -2.97 -0.18
CBB HEM D . -3.19 -4.21 -0.22
C1C HEM D . -5.66 0.86 -0.22
C2C HEM D . -6.64 1.20 -1.24
C3C HEM D . -6.91 2.59 -1.02
C4C HEM D . -6.28 2.97 0.16
CMC HEM D . -7.20 0.29 -2.29
CAC HEM D . -7.68 3.51 -1.75
CBC HEM D . -8.36 3.30 -2.84
C1D HEM D . -5.86 4.59 2.07
C2D HEM D . -6.07 5.85 2.75
C3D HEM D . -5.42 5.77 3.95
C4D HEM D . -4.81 4.46 4.02
CMD HEM D . -6.85 7.00 2.21
CAD HEM D . -5.33 6.81 5.03
CBD HEM D . -6.35 6.59 6.16
CGD HEM D . -6.33 7.64 7.26
O1D HEM D . -5.41 8.49 7.25
O2D HEM D . -7.24 7.61 8.12
NA HEM D . -3.38 1.79 4.19
NB HEM D . -3.59 0.00 1.85
NC HEM D . -5.49 1.92 0.62
ND HEM D . -5.05 3.79 2.85
FE HEM D . -4.67 1.70 2.60
#